data_6WAV
#
_entry.id   6WAV
#
_cell.length_a   153.003
_cell.length_b   65.616
_cell.length_c   29.026
_cell.angle_alpha   90.000
_cell.angle_beta   97.122
_cell.angle_gamma   90.000
#
_symmetry.space_group_name_H-M   'C 1 2 1'
#
loop_
_entity.id
_entity.type
_entity.pdbx_description
1 polymer 'PHD finger protein 1'
2 polymer 'Histone H3.1'
3 non-polymer 'SULFATE ION'
4 non-polymer 'UNKNOWN ATOM OR ION'
5 water water
#
loop_
_entity_poly.entity_id
_entity_poly.type
_entity_poly.pdbx_seq_one_letter_code
_entity_poly.pdbx_strand_id
1 'polypeptide(L)' GRPRLWEGQDVLARWTDGLLYLGTIKKVDSAREVCLVQFEDDSQFLVLWKDISPAALPGEE A,B,C,D
2 'polypeptide(L)' ATGGV(M3L)KPVRYR E,F,G,H
#
loop_
_chem_comp.id
_chem_comp.type
_chem_comp.name
_chem_comp.formula
SO4 non-polymer 'SULFATE ION' 'O4 S -2'
UNX non-polymer 'UNKNOWN ATOM OR ION' ?
#
# COMPACT_ATOMS: atom_id res chain seq x y z
N GLY A 1 -19.65 3.07 -24.61
CA GLY A 1 -18.89 4.25 -24.16
C GLY A 1 -17.77 4.57 -25.16
N ARG A 2 -17.28 5.81 -25.16
CA ARG A 2 -16.15 6.30 -25.99
C ARG A 2 -14.96 5.38 -25.77
N PRO A 3 -14.33 4.82 -26.84
CA PRO A 3 -13.14 3.98 -26.70
C PRO A 3 -12.00 4.68 -25.95
N ARG A 4 -11.30 3.90 -25.12
CA ARG A 4 -10.11 4.41 -24.41
C ARG A 4 -8.86 4.13 -25.24
N LEU A 5 -8.79 2.98 -25.88
CA LEU A 5 -7.60 2.55 -26.68
C LEU A 5 -8.05 2.40 -28.14
N TRP A 6 -7.14 2.62 -29.07
CA TRP A 6 -7.43 2.39 -30.50
C TRP A 6 -6.17 2.12 -31.32
N GLU A 7 -6.34 1.56 -32.50
CA GLU A 7 -5.22 1.32 -33.45
C GLU A 7 -4.49 2.63 -33.73
N GLY A 8 -3.15 2.63 -33.71
CA GLY A 8 -2.38 3.83 -34.04
C GLY A 8 -2.07 4.73 -32.87
N GLN A 9 -2.64 4.45 -31.71
CA GLN A 9 -2.49 5.34 -30.54
C GLN A 9 -1.12 5.11 -29.90
N ASP A 10 -0.44 6.20 -29.55
CA ASP A 10 0.81 6.12 -28.76
C ASP A 10 0.39 5.92 -27.30
N VAL A 11 1.04 4.98 -26.64
CA VAL A 11 0.64 4.53 -25.29
C VAL A 11 1.90 4.24 -24.48
N LEU A 12 1.71 4.18 -23.17
CA LEU A 12 2.70 3.58 -22.24
CA LEU A 12 2.70 3.58 -22.26
C LEU A 12 2.18 2.18 -21.87
N ALA A 13 3.03 1.18 -21.98
CA ALA A 13 2.65 -0.20 -21.64
C ALA A 13 3.56 -0.73 -20.53
N ARG A 14 2.92 -1.27 -19.51
CA ARG A 14 3.65 -1.95 -18.43
C ARG A 14 4.13 -3.31 -18.94
N TRP A 15 5.41 -3.58 -18.80
CA TRP A 15 6.02 -4.89 -19.18
C TRP A 15 6.23 -5.79 -17.95
N THR A 16 6.69 -7.01 -18.18
CA THR A 16 6.86 -8.04 -17.16
C THR A 16 7.94 -7.69 -16.16
N ASP A 17 8.75 -6.67 -16.42
CA ASP A 17 9.73 -6.16 -15.41
C ASP A 17 9.07 -5.14 -14.48
N GLY A 18 7.80 -4.78 -14.73
CA GLY A 18 7.04 -3.86 -13.86
C GLY A 18 7.25 -2.41 -14.27
N LEU A 19 8.01 -2.18 -15.35
CA LEU A 19 8.36 -0.83 -15.85
C LEU A 19 7.50 -0.47 -17.06
N LEU A 20 7.52 0.80 -17.40
CA LEU A 20 6.67 1.33 -18.48
C LEU A 20 7.52 1.62 -19.71
N TYR A 21 6.92 1.35 -20.89
CA TYR A 21 7.64 1.52 -22.17
C TYR A 21 6.69 2.17 -23.17
N LEU A 22 7.22 3.08 -23.98
CA LEU A 22 6.50 3.75 -25.09
CA LEU A 22 6.42 3.72 -25.04
C LEU A 22 6.19 2.73 -26.19
N GLY A 23 4.98 2.77 -26.74
CA GLY A 23 4.59 1.86 -27.80
C GLY A 23 3.43 2.45 -28.57
N THR A 24 3.08 1.74 -29.63
CA THR A 24 1.99 2.15 -30.53
C THR A 24 1.05 0.97 -30.65
N ILE A 25 -0.25 1.20 -30.53
CA ILE A 25 -1.17 0.04 -30.63
C ILE A 25 -1.26 -0.33 -32.10
N LYS A 26 -1.08 -1.61 -32.41
CA LYS A 26 -1.21 -2.15 -33.79
C LYS A 26 -2.54 -2.88 -33.97
N LYS A 27 -3.07 -3.53 -32.92
CA LYS A 27 -4.34 -4.29 -33.02
C LYS A 27 -5.05 -4.26 -31.67
N VAL A 28 -6.38 -4.10 -31.66
CA VAL A 28 -7.19 -4.24 -30.41
C VAL A 28 -7.90 -5.58 -30.50
N ASP A 29 -7.76 -6.42 -29.48
CA ASP A 29 -8.41 -7.74 -29.36
C ASP A 29 -9.45 -7.65 -28.24
N SER A 30 -10.73 -7.49 -28.57
CA SER A 30 -11.77 -7.07 -27.61
C SER A 30 -12.14 -8.23 -26.69
N ALA A 31 -12.20 -9.44 -27.23
CA ALA A 31 -12.67 -10.62 -26.47
C ALA A 31 -11.66 -10.88 -25.37
N ARG A 32 -10.37 -10.86 -25.74
CA ARG A 32 -9.22 -11.12 -24.82
C ARG A 32 -8.83 -9.87 -24.02
N GLU A 33 -9.39 -8.69 -24.31
CA GLU A 33 -9.09 -7.44 -23.57
C GLU A 33 -7.59 -7.17 -23.63
N VAL A 34 -6.93 -7.44 -24.77
CA VAL A 34 -5.48 -7.15 -25.00
C VAL A 34 -5.32 -6.26 -26.23
N CYS A 35 -4.16 -5.59 -26.34
CA CYS A 35 -3.73 -4.99 -27.62
C CYS A 35 -2.35 -5.56 -27.96
N LEU A 36 -2.09 -5.72 -29.24
CA LEU A 36 -0.73 -5.94 -29.79
C LEU A 36 -0.10 -4.55 -29.84
N VAL A 37 0.98 -4.38 -29.11
CA VAL A 37 1.68 -3.07 -28.96
C VAL A 37 3.05 -3.20 -29.62
N GLN A 38 3.38 -2.27 -30.49
CA GLN A 38 4.72 -2.21 -31.11
C GLN A 38 5.56 -1.26 -30.28
N PHE A 39 6.72 -1.72 -29.80
CA PHE A 39 7.62 -0.91 -28.95
C PHE A 39 8.68 -0.24 -29.84
N GLU A 40 9.57 0.49 -29.20
CA GLU A 40 10.49 1.42 -29.90
CA GLU A 40 10.52 1.43 -29.86
C GLU A 40 11.55 0.65 -30.70
N ASP A 41 11.83 -0.62 -30.36
CA ASP A 41 12.70 -1.52 -31.12
C ASP A 41 11.91 -2.30 -32.20
N ASP A 42 10.63 -1.94 -32.42
CA ASP A 42 9.70 -2.57 -33.40
C ASP A 42 9.28 -3.98 -32.97
N SER A 43 9.62 -4.45 -31.76
CA SER A 43 9.07 -5.73 -31.24
C SER A 43 7.56 -5.54 -30.99
N GLN A 44 6.76 -6.59 -31.18
CA GLN A 44 5.28 -6.50 -31.05
C GLN A 44 4.84 -7.54 -30.05
N PHE A 45 4.17 -7.12 -28.95
CA PHE A 45 3.69 -8.05 -27.92
C PHE A 45 2.28 -7.69 -27.47
N LEU A 46 1.57 -8.72 -27.03
CA LEU A 46 0.26 -8.55 -26.36
C LEU A 46 0.47 -8.00 -24.95
N VAL A 47 -0.31 -6.97 -24.63
CA VAL A 47 -0.43 -6.31 -23.32
C VAL A 47 -1.93 -6.20 -23.00
N LEU A 48 -2.30 -6.54 -21.77
CA LEU A 48 -3.70 -6.37 -21.29
C LEU A 48 -4.08 -4.89 -21.26
N TRP A 49 -5.33 -4.58 -21.54
CA TRP A 49 -5.88 -3.21 -21.55
C TRP A 49 -5.53 -2.48 -20.25
N LYS A 50 -5.61 -3.14 -19.10
CA LYS A 50 -5.41 -2.45 -17.81
C LYS A 50 -3.95 -2.01 -17.65
N ASP A 51 -3.05 -2.63 -18.42
CA ASP A 51 -1.59 -2.32 -18.38
C ASP A 51 -1.21 -1.34 -19.49
N ILE A 52 -2.20 -0.71 -20.18
CA ILE A 52 -1.92 0.29 -21.24
C ILE A 52 -2.56 1.61 -20.82
N SER A 53 -1.81 2.68 -20.95
CA SER A 53 -2.25 4.06 -20.70
C SER A 53 -2.03 4.90 -21.96
N PRO A 54 -3.04 5.66 -22.40
CA PRO A 54 -2.81 6.63 -23.46
C PRO A 54 -1.75 7.69 -23.10
N ALA A 55 -0.81 7.90 -24.01
CA ALA A 55 0.30 8.89 -23.92
C ALA A 55 -0.29 10.27 -23.70
N ALA A 56 -1.36 10.62 -24.42
CA ALA A 56 -2.08 11.91 -24.25
C ALA A 56 -3.58 11.71 -24.44
N LEU A 57 -4.37 12.26 -23.50
CA LEU A 57 -5.84 12.51 -23.62
C LEU A 57 -6.01 13.96 -24.05
N PRO A 58 -6.87 14.28 -25.06
CA PRO A 58 -7.17 15.71 -25.24
C PRO A 58 -7.88 16.20 -23.96
N GLY A 59 -7.28 17.17 -23.26
CA GLY A 59 -7.82 17.75 -22.02
N GLY B 1 18.60 -14.74 20.93
CA GLY B 1 18.31 -13.44 21.56
C GLY B 1 17.07 -13.53 22.45
N ARG B 2 16.75 -12.43 23.14
CA ARG B 2 15.69 -12.33 24.18
C ARG B 2 14.36 -12.75 23.57
N PRO B 3 13.64 -13.76 24.11
CA PRO B 3 12.31 -14.14 23.61
C PRO B 3 11.36 -12.94 23.47
N ARG B 4 10.64 -12.86 22.37
CA ARG B 4 9.54 -11.89 22.18
C ARG B 4 8.23 -12.42 22.76
N LEU B 5 7.95 -13.72 22.59
CA LEU B 5 6.67 -14.35 23.04
C LEU B 5 6.99 -15.48 24.02
N TRP B 6 6.11 -15.69 24.99
CA TRP B 6 6.33 -16.73 26.02
C TRP B 6 4.99 -17.19 26.58
N GLU B 7 4.96 -18.42 27.10
CA GLU B 7 3.77 -18.93 27.85
C GLU B 7 3.27 -17.95 28.92
N GLY B 8 1.95 -17.76 29.02
CA GLY B 8 1.35 -16.85 30.01
C GLY B 8 1.21 -15.41 29.57
N GLN B 9 1.81 -15.02 28.44
CA GLN B 9 1.91 -13.59 28.02
C GLN B 9 0.57 -13.12 27.46
N ASP B 10 0.19 -11.91 27.79
CA ASP B 10 -1.05 -11.27 27.27
C ASP B 10 -0.63 -10.66 25.94
N VAL B 11 -1.45 -10.90 24.92
CA VAL B 11 -1.10 -10.55 23.52
C VAL B 11 -2.35 -10.05 22.81
N LEU B 12 -2.12 -9.32 21.74
CA LEU B 12 -3.12 -9.09 20.68
CA LEU B 12 -3.13 -9.09 20.68
C LEU B 12 -2.78 -10.01 19.50
N ALA B 13 -3.77 -10.76 19.02
CA ALA B 13 -3.56 -11.67 17.88
C ALA B 13 -4.47 -11.26 16.73
N ARG B 14 -3.90 -11.26 15.54
CA ARG B 14 -4.65 -11.03 14.31
C ARG B 14 -5.38 -12.32 13.93
N TRP B 15 -6.67 -12.21 13.66
CA TRP B 15 -7.51 -13.37 13.30
C TRP B 15 -7.77 -13.36 11.79
N THR B 16 -8.44 -14.37 11.29
CA THR B 16 -8.70 -14.54 9.84
C THR B 16 -9.70 -13.52 9.28
N ASP B 17 -10.32 -12.69 10.15
CA ASP B 17 -11.21 -11.57 9.71
C ASP B 17 -10.35 -10.31 9.54
N GLY B 18 -9.06 -10.41 9.87
CA GLY B 18 -8.11 -9.29 9.73
C GLY B 18 -8.18 -8.36 10.90
N LEU B 19 -8.99 -8.67 11.94
CA LEU B 19 -9.10 -7.84 13.19
C LEU B 19 -8.23 -8.43 14.31
N LEU B 20 -8.08 -7.66 15.38
CA LEU B 20 -7.14 -7.98 16.48
C LEU B 20 -7.97 -8.36 17.72
N TYR B 21 -7.54 -9.39 18.45
CA TYR B 21 -8.28 -9.93 19.62
C TYR B 21 -7.27 -10.16 20.73
N LEU B 22 -7.67 -9.79 21.92
CA LEU B 22 -6.89 -10.07 23.16
C LEU B 22 -6.83 -11.57 23.38
N GLY B 23 -5.67 -12.06 23.82
CA GLY B 23 -5.45 -13.47 24.07
C GLY B 23 -4.30 -13.64 25.05
N THR B 24 -4.14 -14.87 25.52
CA THR B 24 -2.99 -15.29 26.37
C THR B 24 -2.34 -16.47 25.71
N ILE B 25 -1.02 -16.44 25.59
CA ILE B 25 -0.25 -17.58 25.02
C ILE B 25 -0.29 -18.75 25.99
N LYS B 26 -0.71 -19.91 25.49
CA LYS B 26 -0.75 -21.16 26.30
C LYS B 26 0.45 -22.02 25.91
N LYS B 27 0.91 -21.95 24.66
CA LYS B 27 2.04 -22.80 24.19
C LYS B 27 2.79 -22.09 23.05
N VAL B 28 4.11 -22.18 23.08
CA VAL B 28 4.99 -21.73 21.96
C VAL B 28 5.43 -22.94 21.15
N ASP B 29 5.16 -22.98 19.83
CA ASP B 29 5.55 -24.09 18.92
C ASP B 29 6.67 -23.55 18.02
N SER B 30 7.92 -23.75 18.46
CA SER B 30 9.15 -23.31 17.75
C SER B 30 9.28 -23.93 16.35
N ALA B 31 8.99 -25.21 16.22
CA ALA B 31 9.06 -25.96 14.94
C ALA B 31 8.11 -25.28 13.95
N ARG B 32 6.85 -25.11 14.34
CA ARG B 32 5.77 -24.56 13.46
C ARG B 32 5.79 -23.01 13.42
N GLU B 33 6.57 -22.35 14.27
CA GLU B 33 6.62 -20.87 14.41
C GLU B 33 5.21 -20.32 14.67
N VAL B 34 4.51 -20.90 15.62
CA VAL B 34 3.11 -20.50 15.94
C VAL B 34 2.99 -20.51 17.45
N CYS B 35 1.93 -19.88 17.97
CA CYS B 35 1.58 -20.06 19.39
C CYS B 35 0.13 -20.56 19.45
N LEU B 36 -0.18 -21.38 20.45
CA LEU B 36 -1.59 -21.65 20.85
C LEU B 36 -2.00 -20.49 21.72
N VAL B 37 -2.99 -19.72 21.27
CA VAL B 37 -3.50 -18.51 21.96
C VAL B 37 -4.91 -18.83 22.46
N GLN B 38 -5.15 -18.58 23.73
CA GLN B 38 -6.50 -18.66 24.32
C GLN B 38 -7.14 -17.28 24.27
N PHE B 39 -8.33 -17.18 23.72
CA PHE B 39 -9.03 -15.89 23.53
C PHE B 39 -10.03 -15.67 24.69
N GLU B 40 -10.76 -14.55 24.68
CA GLU B 40 -11.63 -14.11 25.82
CA GLU B 40 -11.57 -14.17 25.87
C GLU B 40 -12.76 -15.12 26.08
N ASP B 41 -13.16 -15.88 25.06
CA ASP B 41 -14.24 -16.90 25.21
C ASP B 41 -13.66 -18.29 25.54
N ASP B 42 -12.38 -18.38 25.91
CA ASP B 42 -11.68 -19.64 26.23
C ASP B 42 -11.43 -20.50 24.99
N SER B 43 -11.73 -20.03 23.78
CA SER B 43 -11.32 -20.78 22.57
C SER B 43 -9.78 -20.77 22.48
N GLN B 44 -9.19 -21.84 21.94
CA GLN B 44 -7.72 -21.95 21.77
C GLN B 44 -7.40 -22.21 20.29
N PHE B 45 -6.61 -21.35 19.64
CA PHE B 45 -6.26 -21.48 18.21
C PHE B 45 -4.78 -21.16 18.03
N LEU B 46 -4.17 -21.77 17.02
CA LEU B 46 -2.81 -21.44 16.57
C LEU B 46 -2.86 -20.14 15.77
N VAL B 47 -1.86 -19.31 16.03
CA VAL B 47 -1.65 -18.03 15.33
C VAL B 47 -0.17 -18.00 15.04
N LEU B 48 0.19 -17.55 13.83
CA LEU B 48 1.62 -17.36 13.48
C LEU B 48 2.26 -16.28 14.35
N TRP B 49 3.53 -16.49 14.74
CA TRP B 49 4.32 -15.46 15.45
C TRP B 49 4.13 -14.05 14.91
N LYS B 50 4.13 -13.87 13.59
CA LYS B 50 4.11 -12.50 13.02
C LYS B 50 2.74 -11.84 13.21
N ASP B 51 1.73 -12.62 13.56
CA ASP B 51 0.35 -12.14 13.78
C ASP B 51 0.09 -11.92 15.27
N ILE B 52 1.12 -12.02 16.13
CA ILE B 52 0.98 -11.85 17.60
C ILE B 52 1.84 -10.66 18.02
N SER B 53 1.28 -9.82 18.84
CA SER B 53 1.91 -8.61 19.41
C SER B 53 1.75 -8.63 20.92
N PRO B 54 2.86 -8.58 21.68
CA PRO B 54 2.83 -8.50 23.13
C PRO B 54 1.98 -7.30 23.56
N ALA B 55 1.03 -7.46 24.48
CA ALA B 55 0.24 -6.33 24.99
C ALA B 55 1.16 -5.29 25.66
N ALA B 56 2.27 -5.72 26.28
CA ALA B 56 3.24 -4.87 27.01
C ALA B 56 4.67 -5.32 26.71
N LEU B 57 5.51 -4.42 26.18
CA LEU B 57 6.94 -4.66 25.85
C LEU B 57 7.76 -3.88 26.85
N PRO B 58 7.89 -4.35 28.12
CA PRO B 58 8.35 -3.50 29.22
C PRO B 58 9.85 -3.18 29.16
N GLY C 1 -8.85 -4.73 -4.48
CA GLY C 1 -8.09 -4.26 -3.28
C GLY C 1 -7.57 -2.83 -3.44
N ARG C 2 -6.81 -2.38 -2.47
CA ARG C 2 -6.30 -0.99 -2.43
C ARG C 2 -5.34 -0.78 -3.59
N PRO C 3 -5.46 0.32 -4.38
CA PRO C 3 -4.49 0.65 -5.42
C PRO C 3 -3.07 0.71 -4.85
N ARG C 4 -2.08 0.33 -5.66
CA ARG C 4 -0.65 0.23 -5.24
C ARG C 4 -0.06 1.64 -5.28
N LEU C 5 -0.53 2.52 -4.37
CA LEU C 5 -0.15 3.96 -4.28
C LEU C 5 0.33 4.23 -2.85
N TRP C 6 1.49 4.88 -2.69
CA TRP C 6 1.98 5.16 -1.32
C TRP C 6 2.84 6.41 -1.30
N GLU C 7 2.98 6.97 -0.12
CA GLU C 7 3.86 8.13 0.10
C GLU C 7 5.28 7.76 -0.28
N GLY C 8 5.95 8.67 -1.01
CA GLY C 8 7.35 8.58 -1.48
C GLY C 8 7.49 7.81 -2.78
N GLN C 9 6.38 7.30 -3.33
CA GLN C 9 6.41 6.50 -4.58
C GLN C 9 6.58 7.42 -5.78
N ASP C 10 7.43 7.02 -6.73
CA ASP C 10 7.53 7.70 -8.04
C ASP C 10 6.34 7.29 -8.90
N VAL C 11 5.68 8.27 -9.52
CA VAL C 11 4.41 8.04 -10.27
C VAL C 11 4.43 8.89 -11.52
N LEU C 12 3.64 8.47 -12.51
CA LEU C 12 3.20 9.28 -13.66
C LEU C 12 1.82 9.77 -13.35
N ALA C 13 1.62 11.09 -13.38
CA ALA C 13 0.31 11.69 -13.12
C ALA C 13 -0.21 12.45 -14.35
N ARG C 14 -1.47 12.18 -14.69
CA ARG C 14 -2.14 12.89 -15.78
C ARG C 14 -2.54 14.29 -15.27
N TRP C 15 -2.10 15.32 -16.00
CA TRP C 15 -2.37 16.75 -15.74
C TRP C 15 -3.61 17.21 -16.51
N THR C 16 -3.95 18.49 -16.39
CA THR C 16 -5.17 19.11 -16.94
C THR C 16 -5.04 19.16 -18.46
N ASP C 17 -3.81 19.21 -19.00
CA ASP C 17 -3.51 19.28 -20.46
C ASP C 17 -3.71 17.90 -21.10
N GLY C 18 -4.06 16.88 -20.30
CA GLY C 18 -4.20 15.46 -20.73
C GLY C 18 -2.87 14.73 -20.92
N LEU C 19 -1.73 15.33 -20.55
CA LEU C 19 -0.38 14.74 -20.71
C LEU C 19 0.06 14.15 -19.35
N LEU C 20 1.10 13.33 -19.39
CA LEU C 20 1.64 12.61 -18.21
C LEU C 20 2.90 13.31 -17.75
N TYR C 21 3.06 13.45 -16.42
CA TYR C 21 4.24 14.10 -15.81
C TYR C 21 4.72 13.24 -14.66
N LEU C 22 6.04 13.14 -14.56
CA LEU C 22 6.70 12.46 -13.45
C LEU C 22 6.44 13.20 -12.15
N GLY C 23 6.15 12.46 -11.11
CA GLY C 23 5.97 13.02 -9.77
C GLY C 23 6.32 12.03 -8.70
N THR C 24 6.34 12.50 -7.45
CA THR C 24 6.45 11.69 -6.24
C THR C 24 5.23 11.94 -5.36
N ILE C 25 4.60 10.90 -4.84
CA ILE C 25 3.42 11.09 -3.96
C ILE C 25 3.91 11.65 -2.63
N LYS C 26 3.32 12.77 -2.20
CA LYS C 26 3.57 13.37 -0.86
C LYS C 26 2.57 12.92 0.19
N LYS C 27 1.30 12.72 -0.20
CA LYS C 27 0.23 12.22 0.68
CA LYS C 27 0.24 12.20 0.69
C LYS C 27 -0.75 11.40 -0.15
N VAL C 28 -1.24 10.30 0.42
CA VAL C 28 -2.39 9.54 -0.16
C VAL C 28 -3.57 9.88 0.73
N ASP C 29 -4.61 10.45 0.16
CA ASP C 29 -5.84 10.83 0.88
C ASP C 29 -6.89 9.80 0.51
N SER C 30 -7.19 8.87 1.41
CA SER C 30 -8.08 7.72 1.09
C SER C 30 -9.53 8.19 1.24
N ALA C 31 -9.76 9.32 1.92
CA ALA C 31 -11.12 9.85 2.12
C ALA C 31 -11.63 10.45 0.80
N ARG C 32 -10.76 11.20 0.12
CA ARG C 32 -11.09 11.89 -1.17
C ARG C 32 -10.65 11.03 -2.37
N GLU C 33 -9.82 10.00 -2.13
CA GLU C 33 -9.22 9.21 -3.26
C GLU C 33 -8.50 10.17 -4.19
N VAL C 34 -7.62 10.98 -3.60
CA VAL C 34 -6.63 11.81 -4.33
C VAL C 34 -5.26 11.58 -3.69
N CYS C 35 -4.21 11.88 -4.44
CA CYS C 35 -2.86 12.03 -3.82
C CYS C 35 -2.41 13.47 -4.08
N LEU C 36 -1.66 13.99 -3.12
CA LEU C 36 -0.82 15.19 -3.32
C LEU C 36 0.49 14.73 -3.98
N VAL C 37 0.70 15.19 -5.19
CA VAL C 37 1.87 14.77 -6.02
C VAL C 37 2.81 15.99 -6.15
N GLN C 38 4.10 15.75 -5.92
CA GLN C 38 5.14 16.77 -6.17
C GLN C 38 5.74 16.46 -7.55
N PHE C 39 5.72 17.46 -8.42
CA PHE C 39 6.25 17.37 -9.81
C PHE C 39 7.71 17.84 -9.81
N GLU C 40 8.33 17.82 -10.99
CA GLU C 40 9.80 17.92 -11.15
C GLU C 40 10.24 19.37 -10.93
N ASP C 41 9.33 20.32 -11.00
CA ASP C 41 9.56 21.75 -10.62
C ASP C 41 9.20 22.02 -9.15
N ASP C 42 8.96 20.96 -8.34
CA ASP C 42 8.61 20.99 -6.89
C ASP C 42 7.16 21.44 -6.66
N SER C 43 6.39 21.80 -7.70
CA SER C 43 4.94 22.15 -7.57
C SER C 43 4.18 20.95 -7.02
N GLN C 44 3.16 21.20 -6.19
CA GLN C 44 2.36 20.12 -5.55
C GLN C 44 0.88 20.34 -5.88
N PHE C 45 0.21 19.34 -6.46
CA PHE C 45 -1.23 19.43 -6.81
C PHE C 45 -1.87 18.09 -6.47
N LEU C 46 -3.15 18.15 -6.09
CA LEU C 46 -4.02 16.96 -5.87
C LEU C 46 -4.33 16.34 -7.23
N VAL C 47 -4.14 15.03 -7.31
CA VAL C 47 -4.41 14.24 -8.52
C VAL C 47 -5.34 13.09 -8.15
N LEU C 48 -6.38 12.86 -8.94
CA LEU C 48 -7.33 11.72 -8.70
C LEU C 48 -6.57 10.41 -8.75
N TRP C 49 -6.89 9.44 -7.89
CA TRP C 49 -6.27 8.09 -7.95
C TRP C 49 -6.26 7.52 -9.37
N LYS C 50 -7.38 7.66 -10.09
CA LYS C 50 -7.57 7.11 -11.46
C LYS C 50 -6.54 7.71 -12.42
N ASP C 51 -5.96 8.89 -12.10
CA ASP C 51 -4.99 9.60 -12.98
C ASP C 51 -3.52 9.34 -12.62
N ILE C 52 -3.26 8.47 -11.64
CA ILE C 52 -1.88 8.13 -11.18
C ILE C 52 -1.51 6.68 -11.56
N SER C 53 -0.32 6.47 -12.16
CA SER C 53 0.25 5.13 -12.47
C SER C 53 1.64 5.01 -11.86
N PRO C 54 1.91 4.06 -10.95
CA PRO C 54 3.28 3.85 -10.48
C PRO C 54 4.29 3.79 -11.65
N ALA C 55 5.42 4.46 -11.49
CA ALA C 55 6.55 4.41 -12.43
C ALA C 55 7.07 2.98 -12.50
N ALA C 56 7.09 2.25 -11.38
CA ALA C 56 7.59 0.85 -11.29
C ALA C 56 6.76 0.02 -10.31
N LEU C 57 6.36 -1.19 -10.70
CA LEU C 57 5.77 -2.17 -9.77
C LEU C 57 6.66 -3.42 -9.81
N PRO C 58 6.55 -4.34 -8.84
CA PRO C 58 7.19 -5.64 -8.98
C PRO C 58 6.82 -6.30 -10.33
N GLY C 59 7.83 -6.82 -11.00
CA GLY C 59 7.65 -7.63 -12.22
C GLY C 59 7.06 -9.00 -11.89
N GLU C 60 7.17 -9.93 -12.84
CA GLU C 60 6.59 -11.29 -12.77
C GLU C 60 7.67 -12.25 -12.27
N GLY D 1 6.67 -6.36 0.67
CA GLY D 1 7.39 -6.33 1.96
C GLY D 1 7.01 -5.11 2.78
N ARG D 2 6.85 -3.98 2.10
CA ARG D 2 6.50 -2.65 2.68
C ARG D 2 5.28 -2.77 3.58
N PRO D 3 5.32 -2.28 4.85
CA PRO D 3 4.18 -2.36 5.76
C PRO D 3 2.94 -1.69 5.19
N ARG D 4 1.78 -2.25 5.48
CA ARG D 4 0.48 -1.76 4.95
C ARG D 4 0.05 -0.61 5.87
N LEU D 5 0.71 0.54 5.77
CA LEU D 5 0.42 1.75 6.58
C LEU D 5 0.05 2.90 5.65
N TRP D 6 -0.99 3.68 5.97
CA TRP D 6 -1.38 4.86 5.17
C TRP D 6 -2.08 5.93 6.03
N GLU D 7 -2.11 7.15 5.50
CA GLU D 7 -2.74 8.36 6.09
C GLU D 7 -4.24 8.08 6.34
N GLY D 8 -4.65 8.39 7.56
CA GLY D 8 -6.04 8.23 8.02
C GLY D 8 -6.32 6.85 8.60
N GLN D 9 -5.34 5.93 8.60
CA GLN D 9 -5.59 4.53 8.99
C GLN D 9 -5.61 4.46 10.53
N ASP D 10 -6.56 3.72 11.09
CA ASP D 10 -6.59 3.41 12.55
C ASP D 10 -5.53 2.36 12.85
N VAL D 11 -4.73 2.58 13.89
CA VAL D 11 -3.52 1.75 14.14
C VAL D 11 -3.41 1.58 15.65
N LEU D 12 -2.70 0.54 16.08
CA LEU D 12 -2.17 0.43 17.46
CA LEU D 12 -2.18 0.46 17.46
C LEU D 12 -0.70 0.82 17.43
N ALA D 13 -0.30 1.81 18.23
CA ALA D 13 1.11 2.25 18.21
C ALA D 13 1.77 1.91 19.56
N ARG D 14 2.95 1.32 19.54
CA ARG D 14 3.72 1.09 20.78
C ARG D 14 4.33 2.44 21.22
N TRP D 15 4.11 2.81 22.50
CA TRP D 15 4.67 4.00 23.17
C TRP D 15 5.97 3.66 23.94
N THR D 16 6.59 4.67 24.57
CA THR D 16 7.91 4.53 25.27
C THR D 16 7.71 3.76 26.58
N ASP D 17 6.46 3.57 26.99
CA ASP D 17 6.11 2.84 28.23
C ASP D 17 5.93 1.34 27.90
N GLY D 18 6.13 0.99 26.62
CA GLY D 18 6.02 -0.39 26.11
C GLY D 18 4.56 -0.82 25.93
N LEU D 19 3.59 0.07 26.12
CA LEU D 19 2.16 -0.29 25.95
C LEU D 19 1.66 0.20 24.60
N LEU D 20 0.57 -0.38 24.16
CA LEU D 20 -0.10 -0.06 22.88
C LEU D 20 -1.19 0.95 23.12
N TYR D 21 -1.33 1.90 22.20
CA TYR D 21 -2.39 2.93 22.22
C TYR D 21 -3.03 3.03 20.84
N LEU D 22 -4.33 3.29 20.79
CA LEU D 22 -5.02 3.51 19.50
CA LEU D 22 -5.04 3.53 19.51
C LEU D 22 -4.63 4.90 18.96
N GLY D 23 -4.42 4.96 17.64
CA GLY D 23 -4.15 6.25 16.98
C GLY D 23 -4.62 6.18 15.55
N THR D 24 -4.48 7.32 14.88
CA THR D 24 -4.77 7.53 13.45
C THR D 24 -3.48 8.06 12.82
N ILE D 25 -3.04 7.48 11.71
CA ILE D 25 -1.83 7.99 11.00
C ILE D 25 -2.18 9.32 10.33
N LYS D 26 -1.40 10.37 10.59
CA LYS D 26 -1.62 11.72 10.00
C LYS D 26 -0.70 11.87 8.78
N LYS D 27 0.52 11.38 8.87
CA LYS D 27 1.55 11.54 7.82
C LYS D 27 2.41 10.29 7.82
N VAL D 28 2.81 9.89 6.63
CA VAL D 28 3.78 8.80 6.40
C VAL D 28 5.08 9.45 5.89
N ASP D 29 6.20 9.06 6.49
CA ASP D 29 7.53 9.53 6.03
C ASP D 29 8.37 8.31 5.63
N SER D 30 8.36 7.95 4.35
CA SER D 30 9.02 6.71 3.88
C SER D 30 10.55 6.87 3.99
N ALA D 31 11.07 8.09 3.90
CA ALA D 31 12.53 8.36 4.02
C ALA D 31 13.04 7.98 5.42
N ARG D 32 12.35 8.38 6.49
CA ARG D 32 12.74 8.07 7.89
C ARG D 32 12.04 6.78 8.37
N GLU D 33 11.06 6.26 7.63
CA GLU D 33 10.30 5.05 8.03
C GLU D 33 9.68 5.26 9.41
N VAL D 34 8.99 6.41 9.53
CA VAL D 34 8.14 6.72 10.69
C VAL D 34 6.79 7.21 10.12
N CYS D 35 5.79 7.19 10.97
CA CYS D 35 4.52 7.92 10.72
C CYS D 35 4.29 8.86 11.88
N LEU D 36 3.67 10.00 11.58
CA LEU D 36 3.13 10.91 12.61
C LEU D 36 1.73 10.37 12.96
N VAL D 37 1.56 9.87 14.18
CA VAL D 37 0.32 9.23 14.72
C VAL D 37 -0.36 10.19 15.72
N GLN D 38 -1.66 10.38 15.60
CA GLN D 38 -2.48 11.22 16.52
C GLN D 38 -3.16 10.24 17.49
N PHE D 39 -3.10 10.53 18.78
CA PHE D 39 -3.65 9.64 19.83
C PHE D 39 -4.96 10.22 20.38
N GLU D 40 -5.62 9.51 21.31
CA GLU D 40 -6.99 9.84 21.81
C GLU D 40 -7.02 11.22 22.51
N ASP D 41 -5.89 11.68 23.01
CA ASP D 41 -5.76 12.98 23.72
C ASP D 41 -5.37 14.10 22.74
N ASP D 42 -5.33 13.83 21.43
CA ASP D 42 -4.99 14.80 20.35
C ASP D 42 -3.50 15.14 20.29
N SER D 43 -2.67 14.53 21.14
CA SER D 43 -1.20 14.52 20.99
C SER D 43 -0.83 13.77 19.70
N GLN D 44 0.24 14.23 19.04
CA GLN D 44 0.81 13.51 17.87
C GLN D 44 2.30 13.27 18.09
N PHE D 45 2.80 12.13 17.64
CA PHE D 45 4.22 11.78 17.77
C PHE D 45 4.70 11.04 16.53
N LEU D 46 5.98 11.14 16.22
CA LEU D 46 6.60 10.27 15.20
C LEU D 46 6.76 8.88 15.83
N VAL D 47 6.24 7.88 15.14
CA VAL D 47 6.36 6.48 15.61
C VAL D 47 7.03 5.63 14.51
N LEU D 48 8.05 4.84 14.88
CA LEU D 48 8.76 3.94 13.93
C LEU D 48 7.76 2.98 13.31
N TRP D 49 7.87 2.72 12.01
CA TRP D 49 7.04 1.72 11.32
C TRP D 49 6.94 0.42 12.12
N LYS D 50 8.08 -0.10 12.61
CA LYS D 50 8.17 -1.35 13.41
C LYS D 50 7.21 -1.31 14.59
N ASP D 51 6.86 -0.11 15.08
CA ASP D 51 6.02 0.06 16.28
C ASP D 51 4.53 0.31 15.96
N ILE D 52 4.13 0.21 14.69
CA ILE D 52 2.74 0.48 14.24
C ILE D 52 2.10 -0.81 13.68
N SER D 53 0.88 -1.11 14.10
CA SER D 53 0.08 -2.26 13.61
C SER D 53 -1.31 -1.77 13.22
N PRO D 54 -1.76 -1.97 11.95
CA PRO D 54 -3.13 -1.61 11.60
C PRO D 54 -4.18 -2.32 12.47
N ALA D 55 -5.22 -1.58 12.85
CA ALA D 55 -6.37 -2.08 13.65
C ALA D 55 -7.14 -3.11 12.84
N ALA D 56 -7.24 -2.93 11.53
CA ALA D 56 -7.91 -3.87 10.60
C ALA D 56 -7.08 -4.03 9.31
N LEU D 57 -6.92 -5.27 8.85
CA LEU D 57 -6.42 -5.54 7.48
C LEU D 57 -7.47 -6.39 6.78
N PRO D 58 -7.38 -6.51 5.44
CA PRO D 58 -8.28 -7.40 4.71
C PRO D 58 -8.29 -8.82 5.30
N GLY D 59 -9.48 -9.36 5.52
CA GLY D 59 -9.70 -10.71 6.03
C GLY D 59 -9.24 -11.78 5.04
N GLU D 60 -9.11 -13.00 5.55
CA GLU D 60 -8.68 -14.25 4.86
C GLU D 60 -9.78 -14.70 3.91
N ALA E 1 10.46 1.76 -33.87
CA ALA E 1 11.15 2.48 -34.97
C ALA E 1 12.29 1.59 -35.49
N THR E 2 12.57 1.62 -36.80
CA THR E 2 13.78 0.96 -37.36
C THR E 2 15.03 1.47 -36.65
N GLY E 3 15.84 0.56 -36.08
CA GLY E 3 17.05 0.89 -35.31
C GLY E 3 16.72 1.27 -33.87
N GLY E 4 15.46 1.23 -33.44
CA GLY E 4 15.09 1.81 -32.14
C GLY E 4 15.61 0.94 -31.01
N VAL E 5 15.60 1.51 -29.83
CA VAL E 5 16.08 0.86 -28.57
C VAL E 5 15.05 1.11 -27.49
N M3L E 6 14.57 0.03 -26.88
CA M3L E 6 13.62 0.17 -25.78
CB M3L E 6 12.94 -1.14 -25.40
CG M3L E 6 12.03 -1.71 -26.47
CD M3L E 6 11.40 -3.04 -26.13
CE M3L E 6 10.34 -2.87 -25.06
NZ M3L E 6 9.85 -4.13 -24.35
C M3L E 6 14.33 0.66 -24.52
O M3L E 6 15.39 0.12 -24.16
CM1 M3L E 6 9.56 -5.22 -25.31
CM2 M3L E 6 8.62 -3.81 -23.60
CM3 M3L E 6 10.86 -4.66 -23.37
N LYS E 7 13.83 1.77 -23.98
CA LYS E 7 14.23 2.20 -22.65
C LYS E 7 12.99 2.44 -21.82
N PRO E 8 13.00 2.14 -20.51
CA PRO E 8 11.84 2.37 -19.68
C PRO E 8 11.63 3.88 -19.44
N VAL E 9 10.40 4.31 -19.23
CA VAL E 9 10.11 5.73 -18.91
C VAL E 9 10.86 6.11 -17.63
N ARG E 10 10.84 5.20 -16.67
CA ARG E 10 11.64 5.32 -15.42
C ARG E 10 12.36 4.00 -15.10
N TYR E 11 13.61 4.07 -14.66
CA TYR E 11 14.33 2.94 -14.04
C TYR E 11 13.94 2.82 -12.55
N ARG E 12 14.10 1.62 -12.01
CA ARG E 12 14.19 1.41 -10.53
C ARG E 12 15.39 2.18 -9.97
N ALA F 1 -11.59 -16.57 29.20
CA ALA F 1 -12.28 -16.54 30.52
C ALA F 1 -13.54 -17.39 30.42
N THR F 2 -13.86 -18.17 31.46
CA THR F 2 -15.20 -18.81 31.61
C THR F 2 -16.35 -17.80 31.38
N GLY F 3 -17.20 -18.05 30.37
CA GLY F 3 -18.37 -17.23 30.03
C GLY F 3 -18.01 -16.03 29.18
N GLY F 4 -16.75 -15.97 28.69
CA GLY F 4 -16.21 -14.74 28.09
C GLY F 4 -16.72 -14.60 26.66
N VAL F 5 -16.56 -13.41 26.11
CA VAL F 5 -17.06 -13.09 24.74
C VAL F 5 -15.93 -12.39 24.00
N M3L F 6 -15.65 -12.89 22.81
CA M3L F 6 -14.64 -12.29 21.96
CB M3L F 6 -14.23 -13.28 20.87
CG M3L F 6 -13.36 -14.43 21.34
CD M3L F 6 -12.96 -15.36 20.21
CE M3L F 6 -11.82 -14.72 19.42
NZ M3L F 6 -11.48 -15.37 18.09
C M3L F 6 -15.22 -11.04 21.34
O M3L F 6 -16.30 -11.10 20.77
CM1 M3L F 6 -11.42 -16.85 18.22
CM2 M3L F 6 -10.12 -14.89 17.65
CM3 M3L F 6 -12.51 -15.02 17.10
N LYS F 7 -14.54 -9.89 21.48
CA LYS F 7 -14.84 -8.71 20.68
C LYS F 7 -13.51 -8.19 20.12
N PRO F 8 -13.44 -7.67 18.89
CA PRO F 8 -12.18 -7.17 18.36
C PRO F 8 -11.82 -5.87 19.07
N VAL F 9 -10.54 -5.56 19.07
CA VAL F 9 -10.02 -4.32 19.72
C VAL F 9 -10.66 -3.12 19.01
N ARG F 10 -10.75 -3.21 17.70
CA ARG F 10 -11.44 -2.23 16.82
C ARG F 10 -12.27 -2.96 15.78
N TYR F 11 -13.45 -2.43 15.45
CA TYR F 11 -14.31 -2.93 14.35
C TYR F 11 -13.88 -2.24 13.05
N ARG F 12 -14.23 -2.84 11.91
CA ARG F 12 -14.22 -2.12 10.61
C ARG F 12 -15.29 -1.02 10.62
N VAL G 5 11.72 22.61 -14.10
CA VAL G 5 10.99 22.68 -15.43
C VAL G 5 10.34 21.33 -15.75
N M3L G 6 9.03 21.28 -15.56
CA M3L G 6 8.21 20.13 -15.93
CB M3L G 6 6.76 20.35 -15.50
CG M3L G 6 6.51 20.02 -14.05
CD M3L G 6 5.19 20.53 -13.61
CE M3L G 6 4.11 19.56 -14.00
NZ M3L G 6 2.69 20.08 -13.87
C M3L G 6 8.18 19.96 -17.44
O M3L G 6 7.98 20.92 -18.18
CM1 M3L G 6 1.80 18.92 -13.66
CM2 M3L G 6 2.32 20.82 -15.09
CM3 M3L G 6 2.55 20.98 -12.69
N LYS G 7 8.34 18.70 -17.86
CA LYS G 7 8.19 18.29 -19.24
C LYS G 7 7.32 17.05 -19.27
N PRO G 8 6.35 16.92 -20.21
CA PRO G 8 5.52 15.72 -20.32
C PRO G 8 6.29 14.48 -20.78
N VAL G 9 5.73 13.31 -20.56
CA VAL G 9 6.38 12.05 -21.02
C VAL G 9 6.34 12.08 -22.55
N ARG G 10 5.22 12.53 -23.10
CA ARG G 10 5.06 12.76 -24.55
C ARG G 10 4.19 14.00 -24.77
N TYR G 11 4.49 14.83 -25.77
CA TYR G 11 3.57 15.93 -26.16
C TYR G 11 2.40 15.37 -26.98
N ARG G 12 1.32 16.15 -27.03
CA ARG G 12 0.21 16.03 -28.01
C ARG G 12 0.58 16.85 -29.25
CA VAL H 5 -8.04 10.71 27.88
C VAL H 5 -7.39 9.63 27.03
N M3L H 6 -6.12 9.35 27.31
CA M3L H 6 -5.39 8.26 26.67
CB M3L H 6 -3.92 8.64 26.44
CG M3L H 6 -3.54 8.87 24.99
CD M3L H 6 -2.13 9.34 24.86
CE M3L H 6 -1.28 8.33 24.12
NZ M3L H 6 0.21 8.47 24.31
C M3L H 6 -5.36 7.03 27.57
O M3L H 6 -4.90 7.13 28.72
CM1 M3L H 6 0.87 7.30 23.66
CM2 M3L H 6 0.57 8.50 25.75
CM3 M3L H 6 0.70 9.72 23.66
N LYS H 7 -5.79 5.89 27.04
CA LYS H 7 -5.76 4.64 27.78
C LYS H 7 -5.05 3.58 26.95
N PRO H 8 -4.16 2.79 27.57
CA PRO H 8 -3.46 1.71 26.87
C PRO H 8 -4.48 0.61 26.55
N VAL H 9 -4.24 -0.19 25.51
CA VAL H 9 -5.16 -1.28 25.07
C VAL H 9 -5.22 -2.31 26.21
N ARG H 10 -4.10 -2.52 26.91
CA ARG H 10 -4.04 -3.21 28.22
C ARG H 10 -3.04 -2.47 29.12
N TYR H 11 -3.35 -2.34 30.41
CA TYR H 11 -2.53 -1.60 31.40
C TYR H 11 -1.27 -2.42 31.72
S SO4 I . -10.42 -11.23 -29.86
O1 SO4 I . -9.57 -10.77 -30.93
O2 SO4 I . -9.72 -11.05 -28.58
O3 SO4 I . -11.64 -10.44 -29.87
O4 SO4 I . -10.73 -12.65 -30.05
UNK UNX J . -5.37 6.20 -18.42
UNK UNX K . 3.04 -7.16 -16.87
UNK UNX L . 9.84 4.10 -23.27
UNK UNX M . 0.20 1.72 -18.14
UNK UNX N . -2.29 -1.52 -37.19
UNK UNX O . 6.35 3.93 -30.65
UNK UNX P . -0.26 0.40 -15.31
UNK UNX Q . 0.05 -1.92 -14.52
UNK UNX R . 10.81 -9.00 -17.43
UNK UNX S . 12.02 -5.77 -33.84
UNK UNX T . -7.28 -5.63 -18.93
UNK UNX U . -0.60 10.89 -28.61
UNK UNX V . -11.48 -7.82 -31.37
UNK UNX W . -7.69 -3.31 -34.20
UNK UNX X . 7.87 1.37 -36.55
UNK UNX Y . 8.75 -27.23 18.30
UNK UNX Z . 5.77 -6.12 17.99
UNK UNX AA . 5.41 -9.64 9.47
UNK UNX BA . -1.01 -9.27 10.80
UNK UNX CA . -5.21 -14.66 9.97
UNK UNX DA . -5.58 -12.52 8.58
UNK UNX EA . -5.09 -18.38 13.14
UNK UNX FA . 8.40 -25.70 20.72
UNK UNX GA . -6.28 -21.46 13.95
UNK UNX HA . 11.64 -20.14 8.91
UNK UNX IA . -2.58 -0.06 -8.58
UNK UNX JA . 6.27 12.86 4.58
UNK UNX KA . -4.07 4.17 -9.74
UNK UNX LA . -4.80 16.02 -12.79
UNK UNX MA . 9.89 4.12 -8.67
UNK UNX NA . -11.05 5.11 -0.41
UNK UNX OA . 9.34 4.86 -6.06
UNK UNX PA . 1.02 -5.62 11.93
UNK UNX QA . 5.88 -5.76 6.17
UNK UNX RA . -6.18 18.42 17.37
UNK UNX SA . -3.67 17.90 13.16
UNK UNX TA . 0.62 2.00 2.17
UNK UNX UA . 2.16 -2.04 17.28
UNK UNX VA . 12.33 3.41 11.26
UNK UNX WA . 15.54 -0.53 -13.82
UNK UNX XA . 12.22 9.21 -19.51
UNK UNX YA . -18.61 -7.96 18.43
UNK UNX ZA . 9.50 11.31 -22.35
UNK UNX AB . -6.42 5.92 23.83
#